data_4RMI
#
_entry.id   4RMI
#
_cell.length_a   36.212
_cell.length_b   73.745
_cell.length_c   55.858
_cell.angle_alpha   90.00
_cell.angle_beta   94.71
_cell.angle_gamma   90.00
#
_symmetry.space_group_name_H-M   'P 1 21 1'
#
loop_
_entity.id
_entity.type
_entity.pdbx_description
1 polymer 'NAD-dependent protein deacetylase sirtuin-2'
2 polymer 'Ac-Lys-OTC peptide'
3 non-polymer 'ZINC ION'
4 non-polymer N-(5-benzyl-1,3-thiazol-2-yl)-2-[(4,6-dimethylpyrimidin-2-yl)sulfanyl]acetamide
5 water water
#
loop_
_entity_poly.entity_id
_entity_poly.type
_entity_poly.pdbx_seq_one_letter_code
_entity_poly.pdbx_strand_id
1 'polypeptide(L)'
;GHMERLLDELTLEGVARYMQSERCRRVICLVGAGISTSAGIPDFRSPSTGLYDNLEKYHLPYPEAIFEISYFKKHPEPFF
ALAKELYPGQFKPTICHYFMRLLKDKGLLLRCYTQNIDTLERIAGLEQEDLVEAHGTFYTSHCVSASCRHEYPLSWMKEK
IFSEVTPKCEDCQSLVKPDIVFFGESLPARFFSCMQSDFLKVDLLLVMGTSLQVQPFASLISKAPLSTPRLLINKEKAGQ
SDPFLGMIMGLGGGMDFDSKKAYRDVAWLGECDQGCLALAELLGWKKELEDLVRREHASIDAQS
;
A
2 'polypeptide(L)' E(ALY)R B
#
# COMPACT_ATOMS: atom_id res chain seq x y z
N GLU A 4 -23.54 21.12 -6.46
CA GLU A 4 -22.10 21.53 -6.43
C GLU A 4 -21.18 20.49 -5.80
N ARG A 5 -19.88 20.73 -5.95
CA ARG A 5 -18.89 19.71 -5.72
C ARG A 5 -17.51 20.34 -5.61
N LEU A 6 -16.56 19.63 -5.02
CA LEU A 6 -15.20 20.15 -4.84
C LEU A 6 -14.37 20.12 -6.11
N LEU A 7 -14.55 19.11 -6.98
CA LEU A 7 -13.81 19.08 -8.22
C LEU A 7 -14.55 19.87 -9.29
N ASP A 8 -13.83 20.63 -10.09
CA ASP A 8 -14.50 21.46 -11.12
C ASP A 8 -14.80 20.60 -12.33
N GLU A 9 -14.01 19.55 -12.50
CA GLU A 9 -14.33 18.50 -13.46
C GLU A 9 -13.79 17.16 -12.99
N LEU A 10 -14.39 16.10 -13.51
CA LEU A 10 -14.14 14.76 -13.03
C LEU A 10 -13.06 14.15 -13.91
N THR A 11 -11.86 14.72 -13.79
CA THR A 11 -10.73 14.32 -14.60
C THR A 11 -9.47 14.47 -13.76
N LEU A 12 -8.37 13.92 -14.25
CA LEU A 12 -7.09 14.10 -13.55
C LEU A 12 -6.75 15.61 -13.44
N GLU A 13 -7.03 16.38 -14.49
CA GLU A 13 -6.82 17.80 -14.49
C GLU A 13 -7.65 18.49 -13.37
N GLY A 14 -8.91 18.10 -13.21
CA GLY A 14 -9.72 18.66 -12.10
C GLY A 14 -9.15 18.29 -10.74
N VAL A 15 -8.63 17.09 -10.59
CA VAL A 15 -8.06 16.69 -9.29
C VAL A 15 -6.81 17.53 -8.98
N ALA A 16 -5.99 17.75 -10.03
CA ALA A 16 -4.77 18.49 -9.91
C ALA A 16 -5.12 19.89 -9.43
N ARG A 17 -6.14 20.50 -10.03
CA ARG A 17 -6.53 21.85 -9.68
C ARG A 17 -7.00 21.88 -8.21
N TYR A 18 -7.77 20.89 -7.82
CA TYR A 18 -8.22 20.77 -6.44
C TYR A 18 -7.02 20.62 -5.48
N MET A 19 -6.05 19.76 -5.82
CA MET A 19 -4.92 19.57 -4.94
C MET A 19 -4.10 20.83 -4.70
N GLN A 20 -4.14 21.77 -5.63
CA GLN A 20 -3.34 23.01 -5.45
C GLN A 20 -4.21 24.18 -4.99
N SER A 21 -5.44 23.87 -4.57
CA SER A 21 -6.39 24.84 -4.07
C SER A 21 -6.26 24.80 -2.55
N GLU A 22 -6.82 25.80 -1.89
CA GLU A 22 -6.85 25.88 -0.43
C GLU A 22 -7.75 24.84 0.27
N ARG A 23 -8.58 24.13 -0.50
CA ARG A 23 -9.48 23.10 0.02
C ARG A 23 -8.78 21.74 0.25
N CYS A 24 -7.61 21.50 -0.34
CA CYS A 24 -6.98 20.21 -0.27
C CYS A 24 -5.74 20.28 0.61
N ARG A 25 -5.86 19.80 1.82
CA ARG A 25 -4.79 19.86 2.81
C ARG A 25 -4.24 18.47 3.15
N ARG A 26 -5.09 17.46 3.08
CA ARG A 26 -4.82 16.15 3.69
CA ARG A 26 -4.84 16.16 3.71
C ARG A 26 -5.24 15.02 2.79
N VAL A 27 -4.24 14.29 2.29
CA VAL A 27 -4.41 13.21 1.29
C VAL A 27 -4.21 11.89 1.97
N ILE A 28 -5.12 10.95 1.77
CA ILE A 28 -4.85 9.56 2.17
C ILE A 28 -4.63 8.71 0.93
N CYS A 29 -3.54 7.95 0.89
CA CYS A 29 -3.36 7.01 -0.20
C CYS A 29 -3.77 5.63 0.28
N LEU A 30 -4.48 4.93 -0.56
CA LEU A 30 -4.80 3.52 -0.40
C LEU A 30 -4.10 2.77 -1.52
N VAL A 31 -3.16 1.91 -1.19
CA VAL A 31 -2.39 1.25 -2.25
C VAL A 31 -2.35 -0.28 -2.15
N GLY A 32 -2.19 -0.95 -3.29
CA GLY A 32 -2.27 -2.37 -3.44
C GLY A 32 -1.10 -2.83 -4.29
N ALA A 33 -1.15 -4.10 -4.71
CA ALA A 33 -0.03 -4.72 -5.41
C ALA A 33 0.35 -4.06 -6.73
N GLY A 34 -0.62 -3.38 -7.34
CA GLY A 34 -0.43 -2.59 -8.54
C GLY A 34 0.67 -1.58 -8.47
N ILE A 35 0.99 -1.08 -7.28
CA ILE A 35 2.06 -0.11 -7.20
C ILE A 35 3.46 -0.72 -7.11
N SER A 36 3.57 -2.05 -6.99
CA SER A 36 4.89 -2.68 -6.92
C SER A 36 5.25 -3.61 -8.05
N THR A 37 4.35 -3.77 -9.00
CA THR A 37 4.64 -4.73 -10.07
C THR A 37 5.73 -4.25 -11.00
N SER A 38 5.85 -2.94 -11.16
CA SER A 38 6.87 -2.32 -12.00
C SER A 38 8.23 -2.33 -11.27
N ALA A 39 8.23 -2.69 -9.98
CA ALA A 39 9.45 -2.88 -9.19
C ALA A 39 9.83 -4.33 -9.25
N GLY A 40 9.16 -5.10 -10.10
CA GLY A 40 9.50 -6.50 -10.27
C GLY A 40 8.97 -7.41 -9.18
N ILE A 41 7.99 -6.94 -8.42
CA ILE A 41 7.38 -7.78 -7.41
C ILE A 41 5.99 -8.15 -7.90
N PRO A 42 5.78 -9.42 -8.29
CA PRO A 42 4.44 -9.80 -8.75
C PRO A 42 3.39 -9.96 -7.65
N ASP A 43 2.16 -9.63 -8.01
CA ASP A 43 1.01 -9.69 -7.13
C ASP A 43 0.62 -11.15 -6.91
N PHE A 44 0.85 -11.65 -5.69
CA PHE A 44 0.74 -13.08 -5.41
C PHE A 44 -0.67 -13.63 -5.58
N ARG A 45 -1.65 -12.74 -5.77
CA ARG A 45 -3.02 -13.15 -6.10
C ARG A 45 -3.20 -13.34 -7.61
N SER A 46 -2.88 -12.31 -8.39
CA SER A 46 -2.89 -12.36 -9.87
C SER A 46 -2.52 -13.77 -10.41
N PRO A 47 -3.41 -14.38 -11.21
CA PRO A 47 -3.19 -15.73 -11.80
C PRO A 47 -1.94 -15.86 -12.68
N SER A 48 -1.67 -14.83 -13.47
CA SER A 48 -0.44 -14.75 -14.27
C SER A 48 0.81 -14.94 -13.42
N THR A 49 0.73 -14.49 -12.16
CA THR A 49 1.72 -14.81 -11.14
C THR A 49 1.48 -16.21 -10.58
N GLY A 50 2.45 -17.10 -10.79
CA GLY A 50 2.52 -18.38 -10.07
C GLY A 50 1.17 -19.04 -9.79
N PHE A 67 -0.79 -20.22 3.64
CA PHE A 67 -1.40 -18.97 4.07
C PHE A 67 -1.99 -19.01 5.47
N GLU A 68 -2.24 -20.21 6.00
CA GLU A 68 -2.91 -20.39 7.27
C GLU A 68 -1.92 -20.29 8.43
N ILE A 69 -2.30 -19.55 9.48
CA ILE A 69 -1.44 -19.37 10.66
C ILE A 69 -1.32 -20.65 11.50
N SER A 70 -2.43 -21.39 11.61
CA SER A 70 -2.47 -22.63 12.40
C SER A 70 -1.62 -23.72 11.78
N TYR A 71 -1.70 -23.82 10.47
CA TYR A 71 -0.84 -24.68 9.69
C TYR A 71 0.62 -24.27 9.81
N PHE A 72 0.86 -22.97 9.70
CA PHE A 72 2.22 -22.42 9.72
C PHE A 72 2.93 -22.80 11.02
N LYS A 73 2.22 -22.65 12.14
CA LYS A 73 2.84 -22.85 13.45
C LYS A 73 3.28 -24.29 13.69
N LYS A 74 2.63 -25.25 13.05
CA LYS A 74 2.96 -26.67 13.19
C LYS A 74 3.92 -27.15 12.08
N HIS A 75 3.73 -26.65 10.85
CA HIS A 75 4.62 -26.95 9.72
C HIS A 75 5.08 -25.66 9.04
N PRO A 76 6.10 -24.98 9.61
CA PRO A 76 6.61 -23.71 9.05
C PRO A 76 7.38 -23.82 7.73
N GLU A 77 7.86 -25.02 7.42
CA GLU A 77 8.88 -25.19 6.39
CA GLU A 77 8.87 -25.21 6.38
C GLU A 77 8.38 -24.77 5.00
N PRO A 78 7.14 -25.13 4.63
CA PRO A 78 6.64 -24.72 3.32
C PRO A 78 6.53 -23.21 3.14
N PHE A 79 5.96 -22.51 4.11
CA PHE A 79 5.90 -21.06 4.00
C PHE A 79 7.31 -20.51 3.76
N PHE A 80 8.29 -21.02 4.49
CA PHE A 80 9.64 -20.49 4.38
C PHE A 80 10.35 -20.92 3.11
N ALA A 81 9.95 -22.07 2.57
CA ALA A 81 10.36 -22.46 1.23
C ALA A 81 9.77 -21.49 0.20
N LEU A 82 8.45 -21.28 0.28
CA LEU A 82 7.75 -20.36 -0.63
C LEU A 82 8.29 -18.95 -0.54
N ALA A 83 8.47 -18.47 0.69
CA ALA A 83 9.19 -17.22 0.96
C ALA A 83 10.53 -17.12 0.22
N LYS A 84 11.34 -18.17 0.25
CA LYS A 84 12.62 -18.14 -0.46
C LYS A 84 12.41 -17.97 -1.95
N GLU A 85 11.47 -18.74 -2.49
CA GLU A 85 11.13 -18.71 -3.91
C GLU A 85 10.68 -17.32 -4.39
N LEU A 86 9.93 -16.61 -3.55
CA LEU A 86 9.35 -15.33 -3.97
C LEU A 86 10.15 -14.11 -3.51
N TYR A 87 11.29 -14.31 -2.86
CA TYR A 87 12.05 -13.22 -2.24
C TYR A 87 12.58 -12.29 -3.32
N PRO A 88 12.14 -11.01 -3.31
CA PRO A 88 12.51 -10.15 -4.45
C PRO A 88 14.00 -10.04 -4.62
N GLY A 89 14.44 -9.94 -5.87
CA GLY A 89 15.86 -9.76 -6.18
C GLY A 89 16.46 -8.42 -5.84
N GLN A 90 15.62 -7.42 -5.65
CA GLN A 90 16.09 -6.08 -5.33
C GLN A 90 14.87 -5.36 -4.78
N PHE A 91 15.12 -4.34 -4.00
CA PHE A 91 14.07 -3.52 -3.40
C PHE A 91 14.21 -2.06 -3.80
N LYS A 92 13.59 -1.77 -4.93
CA LYS A 92 13.72 -0.52 -5.63
C LYS A 92 12.30 0.00 -5.86
N PRO A 93 11.87 0.93 -4.98
CA PRO A 93 10.51 1.41 -5.12
C PRO A 93 10.24 2.09 -6.45
N THR A 94 8.98 2.37 -6.72
CA THR A 94 8.55 2.83 -8.04
C THR A 94 8.33 4.32 -8.02
N ILE A 95 8.14 4.84 -9.22
CA ILE A 95 7.67 6.24 -9.36
C ILE A 95 6.51 6.52 -8.43
N CYS A 96 5.58 5.55 -8.33
CA CYS A 96 4.42 5.67 -7.48
CA CYS A 96 4.40 5.66 -7.46
C CYS A 96 4.76 5.78 -5.98
N HIS A 97 5.69 4.95 -5.52
CA HIS A 97 6.18 5.11 -4.16
C HIS A 97 6.82 6.49 -3.89
N TYR A 98 7.66 6.97 -4.83
CA TYR A 98 8.35 8.28 -4.61
C TYR A 98 7.36 9.44 -4.77
N PHE A 99 6.30 9.21 -5.57
CA PHE A 99 5.20 10.17 -5.63
C PHE A 99 4.61 10.38 -4.23
N MET A 100 4.43 9.29 -3.49
CA MET A 100 3.89 9.43 -2.14
C MET A 100 4.91 10.12 -1.20
N ARG A 101 6.22 9.85 -1.40
CA ARG A 101 7.24 10.57 -0.63
C ARG A 101 7.14 12.08 -0.94
N LEU A 102 6.91 12.37 -2.20
CA LEU A 102 6.71 13.75 -2.57
C LEU A 102 5.51 14.38 -1.86
N LEU A 103 4.39 13.67 -1.77
CA LEU A 103 3.23 14.16 -0.96
C LEU A 103 3.66 14.46 0.46
N LYS A 104 4.44 13.57 1.07
CA LYS A 104 5.00 13.80 2.38
C LYS A 104 5.86 15.04 2.46
N ASP A 105 6.83 15.18 1.57
CA ASP A 105 7.70 16.37 1.59
C ASP A 105 6.92 17.70 1.50
N LYS A 106 5.79 17.69 0.80
CA LYS A 106 5.03 18.93 0.50
C LYS A 106 3.92 19.17 1.51
N GLY A 107 3.89 18.33 2.53
CA GLY A 107 3.03 18.49 3.69
C GLY A 107 1.60 18.06 3.44
N LEU A 108 1.39 17.18 2.45
CA LEU A 108 0.04 16.82 2.02
C LEU A 108 -0.40 15.44 2.48
N LEU A 109 0.55 14.60 2.88
CA LEU A 109 0.22 13.18 3.12
C LEU A 109 -0.25 12.97 4.54
N LEU A 110 -1.51 12.59 4.74
CA LEU A 110 -1.97 12.28 6.08
C LEU A 110 -1.61 10.84 6.41
N ARG A 111 -1.92 9.97 5.50
CA ARG A 111 -1.58 8.60 5.75
C ARG A 111 -1.52 7.83 4.46
N CYS A 112 -0.70 6.81 4.47
CA CYS A 112 -0.66 5.77 3.41
C CYS A 112 -1.10 4.45 3.98
N TYR A 113 -2.25 3.91 3.53
CA TYR A 113 -2.76 2.61 3.91
C TYR A 113 -2.34 1.64 2.79
N THR A 114 -1.49 0.69 3.11
CA THR A 114 -1.00 -0.27 2.14
C THR A 114 -1.44 -1.67 2.44
N GLN A 115 -1.74 -2.38 1.35
CA GLN A 115 -2.02 -3.82 1.38
C GLN A 115 -0.76 -4.66 1.13
N ASN A 116 0.33 -3.97 0.86
CA ASN A 116 1.58 -4.61 0.47
C ASN A 116 2.46 -4.96 1.62
N ILE A 117 3.25 -6.00 1.42
CA ILE A 117 4.14 -6.56 2.44
C ILE A 117 5.61 -6.41 2.12
N ASP A 118 5.92 -5.71 1.03
CA ASP A 118 7.27 -5.70 0.39
C ASP A 118 8.25 -4.68 0.96
N THR A 119 7.78 -3.82 1.87
CA THR A 119 8.55 -2.74 2.55
C THR A 119 8.93 -1.55 1.66
N LEU A 120 8.47 -1.51 0.42
CA LEU A 120 8.91 -0.46 -0.51
C LEU A 120 8.47 0.94 -0.02
N GLU A 121 7.35 1.01 0.67
CA GLU A 121 6.92 2.32 1.19
C GLU A 121 7.99 2.92 2.14
N ARG A 122 8.58 2.08 2.99
CA ARG A 122 9.59 2.52 3.95
C ARG A 122 10.90 2.85 3.26
N ILE A 123 11.28 2.03 2.29
CA ILE A 123 12.53 2.31 1.55
C ILE A 123 12.42 3.64 0.80
N ALA A 124 11.22 3.97 0.33
CA ALA A 124 10.96 5.21 -0.36
C ALA A 124 10.86 6.47 0.56
N GLY A 125 10.88 6.25 1.88
CA GLY A 125 11.05 7.33 2.80
C GLY A 125 9.76 7.65 3.49
N LEU A 126 8.75 6.77 3.41
CA LEU A 126 7.59 6.88 4.31
C LEU A 126 7.95 6.31 5.69
N GLU A 127 7.67 7.08 6.72
CA GLU A 127 7.97 6.62 8.06
C GLU A 127 6.84 5.86 8.71
N GLN A 128 7.14 5.20 9.83
CA GLN A 128 6.14 4.43 10.56
C GLN A 128 4.86 5.26 10.83
N GLU A 129 5.02 6.50 11.28
CA GLU A 129 3.86 7.39 11.58
C GLU A 129 2.92 7.58 10.37
N ASP A 130 3.51 7.65 9.18
CA ASP A 130 2.80 7.89 7.92
C ASP A 130 2.03 6.68 7.42
N LEU A 131 2.39 5.50 7.91
CA LEU A 131 2.00 4.21 7.28
C LEU A 131 1.05 3.39 8.13
N VAL A 132 0.08 2.78 7.47
CA VAL A 132 -0.67 1.67 8.03
C VAL A 132 -0.52 0.52 7.06
N GLU A 133 0.30 -0.41 7.50
CA GLU A 133 0.48 -1.67 6.81
C GLU A 133 -0.65 -2.57 7.24
N ALA A 134 -1.75 -2.42 6.51
CA ALA A 134 -2.97 -3.19 6.79
C ALA A 134 -2.82 -4.70 6.81
N HIS A 135 -1.93 -5.24 5.97
CA HIS A 135 -1.71 -6.69 5.87
C HIS A 135 -0.36 -7.09 6.48
N GLY A 136 0.16 -6.22 7.33
CA GLY A 136 1.46 -6.38 7.93
C GLY A 136 2.60 -6.20 6.95
N THR A 137 3.74 -6.80 7.28
CA THR A 137 4.95 -6.56 6.56
C THR A 137 6.03 -7.54 6.93
N PHE A 138 6.98 -7.68 6.02
CA PHE A 138 8.18 -8.43 6.27
C PHE A 138 9.22 -7.63 7.03
N TYR A 139 9.02 -6.31 7.17
CA TYR A 139 10.04 -5.47 7.78
C TYR A 139 10.53 -5.93 9.14
N THR A 140 9.60 -6.42 9.97
CA THR A 140 9.97 -7.02 11.22
C THR A 140 9.31 -8.39 11.31
N SER A 141 9.88 -9.18 12.23
CA SER A 141 9.35 -10.50 12.57
C SER A 141 9.36 -10.65 14.09
N HIS A 142 8.50 -11.53 14.61
CA HIS A 142 8.43 -11.79 16.03
C HIS A 142 8.36 -13.26 16.37
N CYS A 143 9.07 -13.61 17.44
CA CYS A 143 8.87 -14.88 18.06
C CYS A 143 7.40 -15.01 18.39
N VAL A 144 6.84 -16.19 18.16
CA VAL A 144 5.42 -16.37 18.35
C VAL A 144 5.00 -16.73 19.78
N SER A 145 5.94 -16.98 20.67
CA SER A 145 5.60 -17.32 22.05
CA SER A 145 5.59 -17.30 22.05
C SER A 145 5.13 -16.06 22.77
N ALA A 146 3.92 -16.13 23.33
CA ALA A 146 3.26 -15.00 23.94
C ALA A 146 4.09 -14.32 25.03
N SER A 147 4.85 -15.13 25.76
CA SER A 147 5.60 -14.64 26.92
C SER A 147 6.96 -14.07 26.53
N CYS A 148 7.27 -14.13 25.23
CA CYS A 148 8.58 -13.70 24.73
C CYS A 148 8.42 -12.60 23.68
N ARG A 149 7.96 -12.98 22.50
CA ARG A 149 7.70 -11.99 21.44
C ARG A 149 8.95 -11.18 21.06
N HIS A 150 10.13 -11.79 21.10
CA HIS A 150 11.36 -11.10 20.65
C HIS A 150 11.19 -10.68 19.19
N GLU A 151 11.65 -9.46 18.88
CA GLU A 151 11.57 -8.86 17.55
C GLU A 151 12.87 -9.08 16.78
N TYR A 152 12.74 -9.38 15.52
CA TYR A 152 13.89 -9.58 14.64
C TYR A 152 13.71 -8.76 13.36
N PRO A 153 14.80 -8.17 12.84
CA PRO A 153 14.79 -7.34 11.63
C PRO A 153 14.83 -8.24 10.39
N LEU A 154 14.58 -7.68 9.21
CA LEU A 154 14.49 -8.47 7.97
C LEU A 154 15.82 -9.07 7.63
N SER A 155 16.91 -8.38 7.96
CA SER A 155 18.23 -8.89 7.67
C SER A 155 18.40 -10.29 8.29
N TRP A 156 17.97 -10.40 9.53
CA TRP A 156 17.96 -11.67 10.29
C TRP A 156 17.08 -12.71 9.62
N MET A 157 15.84 -12.31 9.31
CA MET A 157 14.86 -13.20 8.70
C MET A 157 15.37 -13.63 7.31
N LYS A 158 15.82 -12.69 6.51
CA LYS A 158 16.38 -13.02 5.19
C LYS A 158 17.48 -14.08 5.30
N GLU A 159 18.45 -13.90 6.19
CA GLU A 159 19.53 -14.89 6.39
C GLU A 159 18.95 -16.29 6.66
N LYS A 160 17.90 -16.37 7.48
CA LYS A 160 17.27 -17.67 7.78
C LYS A 160 16.53 -18.25 6.56
N ILE A 161 15.79 -17.39 5.83
CA ILE A 161 15.08 -17.85 4.65
C ILE A 161 16.08 -18.38 3.60
N PHE A 162 17.16 -17.64 3.38
CA PHE A 162 18.15 -17.99 2.35
C PHE A 162 19.07 -19.14 2.74
N SER A 163 19.51 -19.15 4.00
CA SER A 163 20.32 -20.24 4.54
C SER A 163 19.50 -21.54 4.76
N GLU A 164 18.21 -21.50 4.44
CA GLU A 164 17.31 -22.66 4.58
C GLU A 164 16.96 -23.05 6.04
N VAL A 165 17.51 -22.34 7.04
CA VAL A 165 17.28 -22.70 8.44
C VAL A 165 15.95 -22.10 8.92
N THR A 166 15.06 -22.95 9.44
CA THR A 166 13.74 -22.49 9.88
C THR A 166 13.90 -21.57 11.08
N PRO A 167 13.38 -20.32 10.98
CA PRO A 167 13.73 -19.31 11.98
C PRO A 167 13.18 -19.61 13.37
N LYS A 168 14.10 -19.70 14.33
CA LYS A 168 13.80 -19.89 15.75
C LYS A 168 14.34 -18.74 16.60
N CYS A 169 13.64 -18.48 17.69
CA CYS A 169 14.02 -17.44 18.58
C CYS A 169 15.31 -17.77 19.35
N GLU A 170 16.24 -16.82 19.38
CA GLU A 170 17.46 -16.99 20.16
C GLU A 170 17.17 -17.09 21.67
N ASP A 171 16.06 -16.52 22.14
CA ASP A 171 15.82 -16.48 23.59
C ASP A 171 15.13 -17.76 24.07
N CYS A 172 14.15 -18.24 23.30
CA CYS A 172 13.28 -19.35 23.75
C CYS A 172 13.13 -20.51 22.76
N GLN A 173 13.72 -20.41 21.55
CA GLN A 173 13.64 -21.44 20.50
C GLN A 173 12.26 -21.68 19.89
N SER A 174 11.33 -20.75 20.13
CA SER A 174 10.03 -20.83 19.49
C SER A 174 10.18 -20.35 18.02
N LEU A 175 9.17 -20.61 17.21
CA LEU A 175 9.19 -20.17 15.82
C LEU A 175 9.14 -18.65 15.75
N VAL A 176 9.85 -18.11 14.76
CA VAL A 176 9.74 -16.69 14.49
C VAL A 176 9.03 -16.41 13.17
N LYS A 177 7.99 -15.62 13.25
CA LYS A 177 7.14 -15.38 12.10
C LYS A 177 7.24 -13.93 11.64
N PRO A 178 7.45 -13.74 10.32
CA PRO A 178 7.31 -12.40 9.78
C PRO A 178 5.96 -11.77 10.15
N ASP A 179 5.99 -10.45 10.40
CA ASP A 179 4.81 -9.70 10.82
C ASP A 179 3.80 -9.46 9.70
N ILE A 180 3.56 -10.44 8.84
CA ILE A 180 2.52 -10.34 7.85
C ILE A 180 1.27 -10.96 8.40
N VAL A 181 0.13 -10.48 7.94
CA VAL A 181 -1.15 -11.04 8.36
C VAL A 181 -1.43 -12.34 7.56
N PHE A 182 -1.34 -13.50 8.22
CA PHE A 182 -1.74 -14.81 7.65
C PHE A 182 -3.25 -14.96 7.78
N PHE A 183 -3.84 -15.83 6.93
CA PHE A 183 -5.25 -16.20 7.05
C PHE A 183 -5.44 -16.90 8.39
N GLY A 184 -6.47 -16.48 9.12
CA GLY A 184 -6.68 -16.91 10.51
C GLY A 184 -6.42 -15.78 11.49
N GLU A 185 -5.59 -14.82 11.08
CA GLU A 185 -5.24 -13.67 11.92
C GLU A 185 -6.09 -12.47 11.56
N SER A 186 -6.32 -11.59 12.53
CA SER A 186 -7.04 -10.35 12.29
C SER A 186 -6.07 -9.29 11.79
N LEU A 187 -6.59 -8.24 11.16
CA LEU A 187 -5.75 -7.12 10.77
C LEU A 187 -5.22 -6.47 12.04
N PRO A 188 -4.07 -5.77 11.94
CA PRO A 188 -3.47 -5.09 13.08
C PRO A 188 -4.42 -4.08 13.72
N ALA A 189 -4.30 -3.87 15.02
CA ALA A 189 -5.17 -2.95 15.75
C ALA A 189 -5.04 -1.53 15.17
N ARG A 190 -3.82 -1.21 14.75
CA ARG A 190 -3.52 0.11 14.20
C ARG A 190 -4.35 0.47 13.01
N PHE A 191 -4.72 -0.53 12.20
CA PHE A 191 -5.59 -0.27 11.09
C PHE A 191 -6.92 0.33 11.54
N PHE A 192 -7.58 -0.32 12.50
CA PHE A 192 -8.89 0.18 12.92
C PHE A 192 -8.77 1.52 13.68
N SER A 193 -7.73 1.67 14.47
CA SER A 193 -7.62 2.90 15.30
C SER A 193 -7.29 4.16 14.43
N CYS A 194 -6.38 4.02 13.47
CA CYS A 194 -6.14 5.07 12.49
C CYS A 194 -7.32 5.38 11.60
N MET A 195 -8.05 4.34 11.18
CA MET A 195 -9.19 4.53 10.28
C MET A 195 -10.16 5.48 10.97
N GLN A 196 -10.45 5.21 12.23
CA GLN A 196 -11.48 5.95 12.95
C GLN A 196 -11.12 7.45 13.04
N SER A 197 -9.84 7.77 13.10
CA SER A 197 -9.41 9.14 13.15
C SER A 197 -9.18 9.79 11.78
N ASP A 198 -8.43 9.10 10.92
CA ASP A 198 -8.00 9.70 9.67
C ASP A 198 -9.14 10.13 8.77
N PHE A 199 -10.17 9.29 8.69
CA PHE A 199 -11.19 9.58 7.73
C PHE A 199 -12.13 10.71 8.19
N LEU A 200 -11.92 11.28 9.41
CA LEU A 200 -12.61 12.51 9.81
C LEU A 200 -11.88 13.75 9.29
N LYS A 201 -10.67 13.57 8.77
CA LYS A 201 -9.68 14.62 8.49
C LYS A 201 -9.31 14.72 6.98
N VAL A 202 -9.79 13.81 6.18
CA VAL A 202 -9.32 13.65 4.78
C VAL A 202 -9.97 14.61 3.80
N ASP A 203 -9.15 15.16 2.93
CA ASP A 203 -9.63 15.93 1.78
C ASP A 203 -9.59 15.22 0.41
N LEU A 204 -8.74 14.22 0.26
CA LEU A 204 -8.62 13.53 -0.99
C LEU A 204 -8.21 12.10 -0.76
N LEU A 205 -8.89 11.16 -1.42
CA LEU A 205 -8.41 9.81 -1.38
C LEU A 205 -7.80 9.49 -2.71
N LEU A 206 -6.55 9.04 -2.61
CA LEU A 206 -5.81 8.54 -3.80
CA LEU A 206 -5.81 8.57 -3.76
C LEU A 206 -5.73 7.04 -3.68
N VAL A 207 -6.45 6.37 -4.57
CA VAL A 207 -6.52 4.93 -4.57
C VAL A 207 -5.71 4.36 -5.73
N MET A 208 -4.65 3.64 -5.43
CA MET A 208 -3.71 3.30 -6.46
C MET A 208 -3.27 1.85 -6.45
N GLY A 209 -3.43 1.22 -7.60
CA GLY A 209 -3.00 -0.14 -7.77
C GLY A 209 -3.68 -1.16 -6.92
N THR A 210 -4.97 -0.95 -6.68
CA THR A 210 -5.72 -1.97 -5.99
C THR A 210 -7.06 -2.18 -6.65
N SER A 211 -7.43 -3.45 -6.82
CA SER A 211 -8.75 -3.82 -7.33
C SER A 211 -9.82 -3.81 -6.24
N LEU A 212 -9.44 -3.53 -4.99
CA LEU A 212 -10.38 -3.39 -3.89
C LEU A 212 -11.21 -4.68 -3.75
N GLN A 213 -10.51 -5.81 -3.91
CA GLN A 213 -11.12 -7.14 -3.86
CA GLN A 213 -11.15 -7.12 -3.83
C GLN A 213 -11.00 -7.77 -2.44
N VAL A 214 -10.11 -7.24 -1.59
CA VAL A 214 -9.84 -7.81 -0.24
C VAL A 214 -10.48 -6.95 0.86
N GLN A 215 -11.21 -7.60 1.78
CA GLN A 215 -11.79 -6.91 2.98
C GLN A 215 -11.00 -7.23 4.26
N PRO A 216 -11.05 -6.35 5.27
CA PRO A 216 -11.81 -5.09 5.33
C PRO A 216 -11.16 -3.89 4.65
N PHE A 217 -9.99 -4.08 4.04
CA PHE A 217 -9.32 -2.94 3.40
C PHE A 217 -10.20 -2.17 2.42
N ALA A 218 -10.91 -2.92 1.58
CA ALA A 218 -11.74 -2.31 0.55
C ALA A 218 -12.85 -1.41 1.13
N SER A 219 -13.34 -1.74 2.31
CA SER A 219 -14.36 -0.92 3.00
C SER A 219 -13.91 0.53 3.31
N LEU A 220 -12.58 0.78 3.35
CA LEU A 220 -12.07 2.13 3.49
C LEU A 220 -12.68 3.18 2.57
N ILE A 221 -12.99 2.86 1.32
CA ILE A 221 -13.50 3.90 0.41
C ILE A 221 -14.82 4.48 0.91
N SER A 222 -15.62 3.64 1.60
CA SER A 222 -16.90 4.05 2.16
CA SER A 222 -16.91 4.06 2.15
C SER A 222 -16.76 4.90 3.42
N LYS A 223 -15.53 5.03 3.93
CA LYS A 223 -15.28 5.79 5.16
C LYS A 223 -14.98 7.25 4.89
N ALA A 224 -14.81 7.61 3.64
CA ALA A 224 -14.61 8.99 3.26
C ALA A 224 -15.85 9.81 3.50
N PRO A 225 -15.67 11.08 3.99
CA PRO A 225 -16.76 12.05 3.89
C PRO A 225 -17.39 12.11 2.48
N LEU A 226 -18.68 12.40 2.45
CA LEU A 226 -19.43 12.50 1.20
C LEU A 226 -18.81 13.43 0.19
N SER A 227 -18.18 14.52 0.61
CA SER A 227 -17.63 15.50 -0.32
C SER A 227 -16.26 15.12 -0.85
N THR A 228 -15.62 14.15 -0.24
CA THR A 228 -14.19 13.90 -0.44
C THR A 228 -13.97 13.30 -1.80
N PRO A 229 -13.27 14.01 -2.70
CA PRO A 229 -12.98 13.36 -4.00
C PRO A 229 -12.09 12.14 -3.86
N ARG A 230 -12.30 11.17 -4.78
CA ARG A 230 -11.60 9.89 -4.76
C ARG A 230 -11.08 9.58 -6.15
N LEU A 231 -9.75 9.61 -6.28
CA LEU A 231 -9.13 9.37 -7.53
C LEU A 231 -8.57 7.96 -7.56
N LEU A 232 -9.03 7.11 -8.49
CA LEU A 232 -8.51 5.78 -8.73
C LEU A 232 -7.48 5.78 -9.87
N ILE A 233 -6.27 5.32 -9.57
CA ILE A 233 -5.24 5.09 -10.59
C ILE A 233 -4.97 3.62 -10.61
N ASN A 234 -5.34 2.92 -11.68
CA ASN A 234 -5.32 1.45 -11.72
C ASN A 234 -5.45 0.99 -13.16
N LYS A 235 -5.02 -0.24 -13.42
CA LYS A 235 -5.12 -0.75 -14.77
C LYS A 235 -6.56 -0.93 -15.15
N GLU A 236 -7.45 -1.22 -14.20
CA GLU A 236 -8.85 -1.41 -14.50
C GLU A 236 -9.74 -0.67 -13.52
N LYS A 237 -10.93 -0.30 -13.98
CA LYS A 237 -11.93 0.37 -13.15
C LYS A 237 -12.27 -0.61 -12.01
N ALA A 238 -12.40 -0.10 -10.78
CA ALA A 238 -12.66 -0.89 -9.57
C ALA A 238 -13.41 -0.06 -8.56
N GLY A 239 -14.06 -0.73 -7.61
CA GLY A 239 -14.73 -0.04 -6.52
C GLY A 239 -16.17 0.34 -6.76
N GLN A 240 -16.67 0.12 -7.97
CA GLN A 240 -18.08 0.35 -8.24
C GLN A 240 -18.98 -0.62 -7.43
N SER A 241 -20.24 -0.25 -7.21
CA SER A 241 -21.19 -1.15 -6.54
C SER A 241 -21.46 -2.40 -7.39
N ASP A 242 -21.59 -3.53 -6.71
CA ASP A 242 -21.83 -4.81 -7.36
C ASP A 242 -23.31 -4.95 -7.72
N PRO A 243 -23.61 -5.00 -9.03
CA PRO A 243 -25.01 -5.04 -9.40
C PRO A 243 -25.68 -6.32 -8.88
N PHE A 244 -24.88 -7.36 -8.60
CA PHE A 244 -25.44 -8.60 -8.05
C PHE A 244 -25.89 -8.47 -6.59
N LEU A 245 -25.01 -7.89 -5.74
CA LEU A 245 -25.33 -7.59 -4.33
C LEU A 245 -25.71 -6.14 -4.12
N GLY A 246 -24.74 -5.26 -4.39
CA GLY A 246 -24.79 -3.86 -3.97
C GLY A 246 -23.43 -3.40 -3.48
N GLY A 253 -23.10 1.48 -1.87
CA GLY A 253 -22.45 2.79 -2.01
C GLY A 253 -21.51 2.85 -3.19
N GLY A 254 -20.23 2.64 -2.92
CA GLY A 254 -19.24 2.41 -3.96
C GLY A 254 -18.83 3.63 -4.77
N MET A 255 -17.82 3.41 -5.61
CA MET A 255 -17.39 4.39 -6.62
C MET A 255 -18.44 4.62 -7.70
N ASP A 256 -18.73 5.88 -8.01
CA ASP A 256 -19.53 6.23 -9.19
C ASP A 256 -18.75 7.21 -10.07
N PHE A 257 -18.16 6.65 -11.11
CA PHE A 257 -17.36 7.38 -12.10
C PHE A 257 -18.17 7.99 -13.24
N ASP A 258 -19.22 7.28 -13.66
CA ASP A 258 -19.77 7.45 -15.03
C ASP A 258 -21.29 7.71 -15.15
N SER A 259 -22.04 7.66 -14.06
CA SER A 259 -23.47 8.02 -14.13
C SER A 259 -23.67 9.55 -14.13
N LYS A 260 -24.91 9.99 -14.33
CA LYS A 260 -25.25 11.42 -14.29
C LYS A 260 -25.23 11.97 -12.86
N LYS A 261 -25.19 11.05 -11.89
CA LYS A 261 -25.11 11.36 -10.48
C LYS A 261 -23.66 11.50 -10.00
N ALA A 262 -22.72 11.14 -10.87
CA ALA A 262 -21.31 11.19 -10.46
C ALA A 262 -20.92 12.63 -10.14
N TYR A 263 -20.23 12.81 -9.00
CA TYR A 263 -19.82 14.13 -8.60
C TYR A 263 -18.38 14.24 -8.03
N ARG A 264 -17.69 13.13 -7.78
CA ARG A 264 -16.41 13.21 -7.03
C ARG A 264 -15.37 12.12 -7.26
N ASP A 265 -15.78 11.09 -7.99
CA ASP A 265 -14.92 9.93 -8.23
C ASP A 265 -14.38 10.00 -9.63
N VAL A 266 -13.08 9.84 -9.77
CA VAL A 266 -12.41 9.90 -11.05
C VAL A 266 -11.57 8.65 -11.25
N ALA A 267 -11.62 8.03 -12.43
CA ALA A 267 -10.82 6.88 -12.77
C ALA A 267 -9.79 7.24 -13.85
N TRP A 268 -8.51 6.95 -13.58
CA TRP A 268 -7.43 7.10 -14.55
C TRP A 268 -6.93 5.69 -14.77
N LEU A 269 -7.18 5.15 -15.97
CA LEU A 269 -6.81 3.80 -16.26
C LEU A 269 -5.47 3.68 -16.96
N GLY A 270 -4.63 2.86 -16.36
CA GLY A 270 -3.27 2.64 -16.87
C GLY A 270 -2.38 2.15 -15.75
N GLU A 271 -1.08 2.00 -16.07
CA GLU A 271 -0.07 1.73 -15.05
C GLU A 271 0.04 2.81 -13.97
N CYS A 272 0.30 2.39 -12.76
CA CYS A 272 0.30 3.34 -11.64
C CYS A 272 1.42 4.37 -11.85
N ASP A 273 2.60 3.95 -12.31
CA ASP A 273 3.73 4.89 -12.52
C ASP A 273 3.35 5.93 -13.55
N GLN A 274 2.66 5.51 -14.59
CA GLN A 274 2.23 6.47 -15.63
C GLN A 274 1.19 7.47 -15.12
N GLY A 275 0.26 7.02 -14.30
CA GLY A 275 -0.76 7.88 -13.74
C GLY A 275 -0.16 8.86 -12.76
N CYS A 276 0.76 8.41 -11.92
CA CYS A 276 1.39 9.37 -10.98
C CYS A 276 2.27 10.36 -11.68
N LEU A 277 2.95 9.90 -12.72
CA LEU A 277 3.77 10.83 -13.56
C LEU A 277 2.88 11.89 -14.19
N ALA A 278 1.74 11.46 -14.75
CA ALA A 278 0.84 12.39 -15.37
C ALA A 278 0.33 13.42 -14.34
N LEU A 279 0.01 12.95 -13.12
CA LEU A 279 -0.50 13.84 -12.10
C LEU A 279 0.60 14.79 -11.59
N ALA A 280 1.80 14.25 -11.29
CA ALA A 280 2.94 15.11 -10.97
C ALA A 280 3.17 16.20 -12.01
N GLU A 281 3.12 15.82 -13.29
CA GLU A 281 3.35 16.80 -14.35
C GLU A 281 2.34 17.96 -14.26
N LEU A 282 1.05 17.66 -14.08
CA LEU A 282 0.01 18.68 -13.91
C LEU A 282 0.31 19.59 -12.75
N LEU A 283 0.83 18.98 -11.70
CA LEU A 283 1.15 19.72 -10.45
C LEU A 283 2.42 20.57 -10.50
N GLY A 284 3.18 20.46 -11.59
CA GLY A 284 4.48 21.09 -11.67
C GLY A 284 5.59 20.38 -10.92
N TRP A 285 5.35 19.13 -10.58
CA TRP A 285 6.30 18.34 -9.78
C TRP A 285 7.10 17.37 -10.62
N LYS A 286 6.96 17.40 -11.94
CA LYS A 286 7.59 16.35 -12.74
C LYS A 286 9.10 16.34 -12.56
N LYS A 287 9.74 17.51 -12.50
CA LYS A 287 11.22 17.56 -12.36
C LYS A 287 11.64 17.07 -10.97
N GLU A 288 10.90 17.49 -9.94
CA GLU A 288 11.22 17.02 -8.59
CA GLU A 288 11.21 17.01 -8.59
C GLU A 288 11.10 15.49 -8.51
N LEU A 289 10.08 14.94 -9.14
CA LEU A 289 9.85 13.51 -9.02
C LEU A 289 10.91 12.73 -9.78
N GLU A 290 11.23 13.16 -11.00
CA GLU A 290 12.34 12.57 -11.74
C GLU A 290 13.66 12.64 -10.97
N ASP A 291 13.92 13.80 -10.34
CA ASP A 291 15.20 13.96 -9.64
C ASP A 291 15.23 13.03 -8.43
N LEU A 292 14.14 12.96 -7.66
CA LEU A 292 14.05 12.11 -6.49
C LEU A 292 14.27 10.64 -6.91
N VAL A 293 13.48 10.17 -7.87
CA VAL A 293 13.54 8.79 -8.35
C VAL A 293 14.95 8.38 -8.87
N ARG A 294 15.52 9.20 -9.72
CA ARG A 294 16.81 8.81 -10.30
C ARG A 294 17.87 8.82 -9.19
N ARG A 295 17.80 9.77 -8.26
CA ARG A 295 18.73 9.72 -7.13
CA ARG A 295 18.73 9.73 -7.12
C ARG A 295 18.55 8.49 -6.26
N GLU A 296 17.31 8.18 -5.91
CA GLU A 296 17.13 7.03 -5.04
C GLU A 296 17.40 5.70 -5.76
N HIS A 297 17.05 5.63 -7.04
CA HIS A 297 17.42 4.46 -7.81
C HIS A 297 18.92 4.32 -7.93
N ALA A 298 19.64 5.39 -8.16
CA ALA A 298 21.10 5.30 -8.26
C ALA A 298 21.69 4.74 -6.96
N SER A 299 21.19 5.23 -5.84
CA SER A 299 21.63 4.81 -4.50
C SER A 299 21.39 3.31 -4.29
N ILE A 300 20.20 2.85 -4.64
CA ILE A 300 19.87 1.45 -4.43
C ILE A 300 20.72 0.56 -5.36
N ASP A 301 20.94 1.01 -6.57
CA ASP A 301 21.73 0.22 -7.57
C ASP A 301 23.16 0.00 -7.11
N ALA A 302 23.69 0.96 -6.36
CA ALA A 302 25.07 1.00 -5.90
C ALA A 302 25.26 0.33 -4.57
N GLN A 303 24.18 -0.28 -4.08
CA GLN A 303 24.13 -1.51 -3.23
C GLN A 303 23.27 -1.33 -1.97
N GLU B 1 -11.88 -9.82 9.81
CA GLU B 1 -10.49 -10.31 9.56
C GLU B 1 -10.20 -10.30 8.06
N ARG B 3 -9.81 -11.19 4.35
CA ARG B 3 -10.54 -12.10 3.47
C ARG B 3 -10.68 -11.55 2.04
#